data_9ERY
#
_entry.id   9ERY
#
_cell.length_a   74.534
_cell.length_b   74.534
_cell.length_c   95.392
_cell.angle_alpha   90.000
_cell.angle_beta   90.000
_cell.angle_gamma   120.000
#
_symmetry.space_group_name_H-M   'P 31 2 1'
#
loop_
_entity.id
_entity.type
_entity.pdbx_description
1 polymer 'Programmed cell death 1 ligand 1'
2 non-polymer 5-[[5-[[2-[bis(fluoranyl)methyl]-3-(2,3-dihydro-1,4-benzodioxin-6-yl)phenyl]methoxy]-2-[(2-hydroxyethylamino)methyl]phenoxy]methyl]pyridine-3-carbonitrile
3 non-polymer 'SULFATE ION'
4 water water
#
_entity_poly.entity_id   1
_entity_poly.type   'polypeptide(L)'
_entity_poly.pdbx_seq_one_letter_code
;MGSAFTVTVPKDLYVVEYGSNMTIECKFPVEKQLDLAALIVYWEMEDKNIIQFVHGEEDLKVQHSSYRQRARLLKDQLSL
GNAALQITDVKLQDAGVYRCMISYGGADYKRITVKVNAPYAAALEHHHHHH
;
_entity_poly.pdbx_strand_id   A,B
#
# COMPACT_ATOMS: atom_id res chain seq x y z
N ALA A 4 8.45 -15.62 -6.08
CA ALA A 4 8.11 -14.24 -5.61
C ALA A 4 6.62 -13.95 -5.81
N PHE A 5 5.95 -13.37 -4.79
CA PHE A 5 4.54 -12.99 -4.86
C PHE A 5 4.40 -11.73 -5.72
N THR A 6 3.42 -11.70 -6.64
CA THR A 6 3.31 -10.69 -7.68
C THR A 6 1.83 -10.45 -8.02
N VAL A 7 1.34 -9.23 -7.71
CA VAL A 7 0.04 -8.76 -8.17
C VAL A 7 0.18 -8.36 -9.65
N THR A 8 -0.82 -8.75 -10.45
CA THR A 8 -0.86 -8.59 -11.89
C THR A 8 -2.09 -7.76 -12.24
N VAL A 9 -1.96 -6.99 -13.32
CA VAL A 9 -2.98 -6.09 -13.83
C VAL A 9 -3.16 -6.45 -15.32
N PRO A 10 -4.32 -7.01 -15.78
CA PRO A 10 -4.55 -7.25 -17.21
C PRO A 10 -4.52 -6.02 -18.12
N LYS A 11 -5.13 -4.91 -17.69
CA LYS A 11 -5.02 -3.60 -18.34
C LYS A 11 -4.69 -2.54 -17.28
N ASP A 12 -3.65 -1.70 -17.51
CA ASP A 12 -3.21 -0.65 -16.61
C ASP A 12 -3.96 0.68 -16.83
N LEU A 13 -4.53 0.88 -18.04
CA LEU A 13 -5.49 1.94 -18.36
C LEU A 13 -6.88 1.32 -18.58
N TYR A 14 -7.95 2.02 -18.15
CA TYR A 14 -9.31 1.76 -18.58
C TYR A 14 -9.94 3.07 -19.07
N VAL A 15 -10.47 3.06 -20.32
CA VAL A 15 -11.31 4.12 -20.86
C VAL A 15 -12.76 3.67 -20.69
N VAL A 16 -13.56 4.42 -19.90
CA VAL A 16 -14.87 4.02 -19.39
C VAL A 16 -15.87 5.13 -19.71
N GLU A 17 -17.13 4.79 -20.05
CA GLU A 17 -18.18 5.76 -20.32
C GLU A 17 -18.77 6.31 -19.02
N TYR A 18 -19.26 7.56 -19.08
CA TYR A 18 -20.00 8.23 -18.01
C TYR A 18 -21.33 7.50 -17.82
N GLY A 19 -21.73 7.32 -16.55
CA GLY A 19 -22.98 6.64 -16.20
C GLY A 19 -22.98 5.12 -16.34
N SER A 20 -21.88 4.48 -16.80
CA SER A 20 -21.78 3.03 -16.95
C SER A 20 -21.29 2.41 -15.63
N ASN A 21 -20.88 1.13 -15.66
CA ASN A 21 -20.20 0.45 -14.55
C ASN A 21 -18.86 -0.04 -15.07
N MET A 22 -17.79 0.12 -14.26
CA MET A 22 -16.46 -0.41 -14.58
C MET A 22 -16.12 -1.49 -13.57
N THR A 23 -15.35 -2.50 -14.04
CA THR A 23 -14.83 -3.56 -13.21
C THR A 23 -13.33 -3.63 -13.47
N ILE A 24 -12.56 -2.88 -12.67
CA ILE A 24 -11.11 -2.96 -12.69
C ILE A 24 -10.69 -4.18 -11.86
N GLU A 25 -9.62 -4.86 -12.34
CA GLU A 25 -9.23 -6.18 -11.88
C GLU A 25 -7.77 -6.16 -11.45
N CYS A 26 -7.46 -6.83 -10.33
CA CYS A 26 -6.11 -7.18 -9.95
C CYS A 26 -6.00 -8.67 -9.64
N LYS A 27 -5.08 -9.34 -10.38
CA LYS A 27 -4.85 -10.78 -10.28
C LYS A 27 -3.75 -11.03 -9.25
N PHE A 28 -3.92 -12.02 -8.36
CA PHE A 28 -2.92 -12.47 -7.42
C PHE A 28 -2.83 -14.00 -7.44
N PRO A 29 -1.68 -14.63 -7.07
CA PRO A 29 -1.51 -16.08 -7.16
C PRO A 29 -2.20 -16.85 -6.02
N VAL A 30 -3.21 -17.67 -6.38
CA VAL A 30 -3.83 -18.67 -5.50
C VAL A 30 -3.22 -20.04 -5.82
N GLU A 31 -2.71 -20.74 -4.79
CA GLU A 31 -2.25 -22.12 -4.87
C GLU A 31 -3.41 -23.04 -4.50
N LYS A 32 -4.45 -23.09 -5.37
CA LYS A 32 -5.71 -23.83 -5.24
C LYS A 32 -6.49 -23.68 -3.91
N GLN A 33 -6.23 -22.65 -3.09
CA GLN A 33 -6.69 -22.53 -1.70
C GLN A 33 -7.50 -21.23 -1.58
N LEU A 34 -8.60 -21.27 -0.81
CA LEU A 34 -9.34 -20.07 -0.42
C LEU A 34 -8.51 -19.24 0.59
N ASP A 35 -8.13 -19.84 1.74
CA ASP A 35 -7.42 -19.24 2.87
C ASP A 35 -7.81 -17.79 3.15
N LEU A 36 -9.08 -17.59 3.53
CA LEU A 36 -9.67 -16.25 3.61
C LEU A 36 -9.06 -15.45 4.76
N ALA A 37 -8.65 -16.10 5.87
CA ALA A 37 -8.11 -15.40 7.04
C ALA A 37 -6.75 -14.72 6.79
N ALA A 38 -5.98 -15.18 5.77
CA ALA A 38 -4.72 -14.57 5.35
C ALA A 38 -4.85 -13.55 4.21
N LEU A 39 -6.01 -13.49 3.52
CA LEU A 39 -6.26 -12.54 2.46
C LEU A 39 -6.69 -11.20 3.05
N ILE A 40 -5.93 -10.15 2.73
CA ILE A 40 -6.34 -8.76 2.81
C ILE A 40 -6.30 -8.20 1.38
N VAL A 41 -7.40 -7.52 1.01
CA VAL A 41 -7.50 -6.73 -0.20
C VAL A 41 -7.85 -5.31 0.23
N TYR A 42 -7.22 -4.30 -0.38
CA TYR A 42 -7.52 -2.89 -0.14
C TYR A 42 -7.41 -2.15 -1.48
N TRP A 43 -8.49 -1.46 -1.90
CA TRP A 43 -8.44 -0.44 -2.94
C TRP A 43 -8.52 0.96 -2.36
N GLU A 44 -7.60 1.86 -2.76
CA GLU A 44 -7.75 3.31 -2.60
C GLU A 44 -7.70 3.99 -3.95
N MET A 45 -8.10 5.28 -3.95
CA MET A 45 -7.89 6.19 -5.06
C MET A 45 -7.80 7.60 -4.49
N GLU A 46 -6.64 8.28 -4.64
CA GLU A 46 -6.40 9.65 -4.18
C GLU A 46 -6.64 9.76 -2.66
N ASP A 47 -6.04 8.81 -1.90
CA ASP A 47 -6.18 8.66 -0.46
C ASP A 47 -7.59 8.29 0.03
N LYS A 48 -8.59 8.00 -0.84
CA LYS A 48 -9.94 7.68 -0.43
C LYS A 48 -10.06 6.15 -0.36
N ASN A 49 -10.42 5.58 0.80
CA ASN A 49 -10.56 4.14 0.98
C ASN A 49 -11.85 3.68 0.29
N ILE A 50 -11.75 2.76 -0.68
CA ILE A 50 -12.85 2.26 -1.48
C ILE A 50 -13.31 0.90 -0.95
N ILE A 51 -12.39 -0.06 -0.77
CA ILE A 51 -12.68 -1.37 -0.19
C ILE A 51 -11.56 -1.73 0.78
N GLN A 52 -11.92 -2.41 1.89
CA GLN A 52 -10.99 -2.98 2.85
C GLN A 52 -11.57 -4.33 3.26
N PHE A 53 -11.14 -5.39 2.56
CA PHE A 53 -11.67 -6.75 2.68
C PHE A 53 -10.69 -7.59 3.52
N VAL A 54 -11.22 -8.25 4.57
CA VAL A 54 -10.42 -8.87 5.63
C VAL A 54 -11.29 -9.90 6.38
N HIS A 55 -10.77 -11.12 6.55
CA HIS A 55 -11.49 -12.24 7.17
C HIS A 55 -12.78 -12.59 6.40
N GLY A 56 -12.74 -12.52 5.06
CA GLY A 56 -13.91 -12.75 4.22
C GLY A 56 -15.06 -11.75 4.41
N GLU A 57 -14.76 -10.45 4.69
CA GLU A 57 -15.79 -9.47 5.01
C GLU A 57 -15.29 -8.05 4.67
N GLU A 58 -16.10 -7.27 3.92
CA GLU A 58 -15.80 -5.89 3.56
C GLU A 58 -16.07 -5.00 4.78
N ASP A 59 -15.01 -4.44 5.40
CA ASP A 59 -15.13 -3.52 6.52
C ASP A 59 -15.65 -2.17 6.00
N LEU A 60 -16.85 -1.76 6.44
CA LEU A 60 -17.59 -0.63 5.88
C LEU A 60 -17.36 0.67 6.68
N LYS A 61 -17.04 0.62 7.99
CA LYS A 61 -16.80 1.83 8.78
C LYS A 61 -15.57 2.61 8.30
N VAL A 62 -14.48 1.91 7.89
CA VAL A 62 -13.26 2.55 7.40
C VAL A 62 -13.45 3.01 5.94
N GLN A 63 -14.41 2.44 5.20
CA GLN A 63 -14.71 2.83 3.82
C GLN A 63 -15.26 4.26 3.74
N HIS A 64 -14.82 5.03 2.75
CA HIS A 64 -15.23 6.41 2.51
C HIS A 64 -16.61 6.44 1.85
N SER A 65 -17.49 7.30 2.37
CA SER A 65 -18.93 7.29 2.05
C SER A 65 -19.24 7.96 0.71
N SER A 66 -18.28 8.64 0.05
CA SER A 66 -18.36 8.95 -1.37
C SER A 66 -18.45 7.70 -2.27
N TYR A 67 -17.91 6.55 -1.82
CA TYR A 67 -18.03 5.25 -2.49
C TYR A 67 -19.11 4.34 -1.89
N ARG A 68 -20.05 4.89 -1.07
CA ARG A 68 -21.05 4.10 -0.35
C ARG A 68 -22.16 3.68 -1.32
N GLN A 69 -22.54 2.39 -1.26
CA GLN A 69 -23.61 1.79 -2.05
C GLN A 69 -23.26 1.58 -3.53
N ARG A 70 -22.03 1.92 -3.99
CA ARG A 70 -21.65 1.97 -5.41
C ARG A 70 -20.39 1.16 -5.74
N ALA A 71 -19.41 1.07 -4.79
CA ALA A 71 -18.26 0.18 -4.87
C ALA A 71 -18.57 -1.19 -4.24
N ARG A 72 -18.28 -2.28 -4.96
CA ARG A 72 -18.50 -3.66 -4.54
C ARG A 72 -17.27 -4.47 -4.99
N LEU A 73 -16.56 -5.12 -4.06
CA LEU A 73 -15.62 -6.18 -4.41
C LEU A 73 -16.42 -7.44 -4.73
N LEU A 74 -16.11 -8.10 -5.87
CA LEU A 74 -16.79 -9.31 -6.32
C LEU A 74 -16.13 -10.53 -5.65
N LYS A 75 -16.82 -11.12 -4.63
CA LYS A 75 -16.27 -12.16 -3.77
C LYS A 75 -16.17 -13.48 -4.53
N ASP A 76 -17.23 -13.82 -5.29
CA ASP A 76 -17.26 -14.82 -6.37
C ASP A 76 -15.92 -15.00 -7.11
N GLN A 77 -15.29 -13.89 -7.56
CA GLN A 77 -14.05 -13.91 -8.34
C GLN A 77 -12.78 -14.19 -7.52
N LEU A 78 -12.81 -14.11 -6.17
CA LEU A 78 -11.60 -14.17 -5.36
C LEU A 78 -10.91 -15.54 -5.40
N SER A 79 -11.66 -16.65 -5.40
CA SER A 79 -11.12 -18.00 -5.50
C SER A 79 -10.39 -18.27 -6.83
N LEU A 80 -10.70 -17.50 -7.91
CA LEU A 80 -9.90 -17.48 -9.13
C LEU A 80 -8.64 -16.62 -9.03
N GLY A 81 -8.32 -16.01 -7.86
CA GLY A 81 -7.19 -15.11 -7.70
C GLY A 81 -7.43 -13.77 -8.41
N ASN A 82 -8.57 -13.13 -8.10
CA ASN A 82 -9.01 -11.92 -8.80
C ASN A 82 -9.84 -11.03 -7.86
N ALA A 83 -9.18 -10.03 -7.26
CA ALA A 83 -9.86 -8.88 -6.67
C ALA A 83 -10.41 -8.02 -7.81
N ALA A 84 -11.71 -8.21 -8.11
CA ALA A 84 -12.44 -7.36 -9.05
C ALA A 84 -13.17 -6.30 -8.25
N LEU A 85 -12.66 -5.05 -8.30
CA LEU A 85 -13.41 -3.88 -7.86
C LEU A 85 -14.40 -3.49 -8.95
N GLN A 86 -15.70 -3.43 -8.60
CA GLN A 86 -16.76 -2.89 -9.43
C GLN A 86 -17.27 -1.59 -8.80
N ILE A 87 -17.06 -0.45 -9.51
CA ILE A 87 -17.73 0.81 -9.23
C ILE A 87 -18.92 0.89 -10.19
N THR A 88 -20.08 1.36 -9.68
CA THR A 88 -21.27 1.60 -10.50
C THR A 88 -21.62 3.08 -10.57
N ASP A 89 -22.21 3.49 -11.71
CA ASP A 89 -22.75 4.83 -11.96
C ASP A 89 -21.55 5.78 -12.01
N VAL A 90 -20.70 5.58 -13.04
CA VAL A 90 -19.37 6.17 -13.12
C VAL A 90 -19.50 7.66 -13.47
N LYS A 91 -18.74 8.51 -12.74
CA LYS A 91 -18.72 9.98 -12.85
C LYS A 91 -17.30 10.42 -13.20
N LEU A 92 -17.12 11.71 -13.51
CA LEU A 92 -15.81 12.30 -13.82
C LEU A 92 -14.87 12.29 -12.60
N GLN A 93 -15.41 12.40 -11.36
CA GLN A 93 -14.60 12.35 -10.14
C GLN A 93 -13.92 10.98 -9.99
N ASP A 94 -14.52 9.91 -10.53
CA ASP A 94 -13.97 8.55 -10.53
C ASP A 94 -12.79 8.36 -11.49
N ALA A 95 -12.43 9.33 -12.34
CA ALA A 95 -11.15 9.32 -13.06
C ALA A 95 -9.98 9.55 -12.10
N GLY A 96 -8.86 8.83 -12.30
CA GLY A 96 -7.69 8.92 -11.45
C GLY A 96 -6.93 7.59 -11.36
N VAL A 97 -5.96 7.56 -10.44
CA VAL A 97 -5.06 6.44 -10.23
C VAL A 97 -5.62 5.65 -9.04
N TYR A 98 -6.18 4.47 -9.33
CA TYR A 98 -6.59 3.48 -8.34
C TYR A 98 -5.36 2.66 -7.97
N ARG A 99 -5.26 2.26 -6.69
CA ARG A 99 -4.18 1.45 -6.16
C ARG A 99 -4.83 0.26 -5.47
N CYS A 100 -4.48 -1.00 -5.86
CA CYS A 100 -4.91 -2.20 -5.15
C CYS A 100 -3.74 -2.81 -4.41
N MET A 101 -3.93 -3.12 -3.13
CA MET A 101 -2.95 -3.70 -2.25
C MET A 101 -3.48 -5.07 -1.82
N ILE A 102 -2.76 -6.15 -2.15
CA ILE A 102 -3.12 -7.51 -1.76
C ILE A 102 -2.05 -8.01 -0.80
N SER A 103 -2.45 -8.59 0.34
CA SER A 103 -1.57 -9.35 1.24
C SER A 103 -2.11 -10.78 1.31
N TYR A 104 -1.27 -11.78 1.01
CA TYR A 104 -1.69 -13.17 0.93
C TYR A 104 -0.44 -14.05 1.09
N GLY A 105 0.12 -14.02 2.32
CA GLY A 105 1.38 -14.66 2.66
C GLY A 105 2.54 -14.15 1.80
N GLY A 106 2.64 -12.82 1.67
CA GLY A 106 3.27 -12.16 0.53
C GLY A 106 2.41 -11.00 0.05
N ALA A 107 3.04 -9.84 -0.23
CA ALA A 107 2.37 -8.56 -0.38
C ALA A 107 2.86 -7.86 -1.66
N ASP A 108 1.92 -7.22 -2.37
CA ASP A 108 2.26 -6.37 -3.50
C ASP A 108 1.12 -5.37 -3.71
N TYR A 109 1.42 -4.29 -4.46
CA TYR A 109 0.41 -3.37 -4.95
C TYR A 109 0.67 -3.05 -6.42
N LYS A 110 -0.41 -2.62 -7.12
CA LYS A 110 -0.34 -2.10 -8.48
C LYS A 110 -1.27 -0.89 -8.62
N ARG A 111 -0.89 0.05 -9.51
CA ARG A 111 -1.70 1.20 -9.90
C ARG A 111 -2.49 0.88 -11.18
N ILE A 112 -3.69 1.49 -11.33
CA ILE A 112 -4.50 1.45 -12.55
C ILE A 112 -5.02 2.86 -12.81
N THR A 113 -4.82 3.38 -14.04
CA THR A 113 -5.41 4.66 -14.46
C THR A 113 -6.81 4.40 -15.01
N VAL A 114 -7.73 5.35 -14.76
CA VAL A 114 -9.07 5.36 -15.32
C VAL A 114 -9.32 6.74 -15.92
N LYS A 115 -9.58 6.80 -17.25
CA LYS A 115 -9.98 8.00 -17.97
C LYS A 115 -11.48 7.84 -18.24
N VAL A 116 -12.31 8.82 -17.84
CA VAL A 116 -13.75 8.80 -18.08
C VAL A 116 -14.05 9.67 -19.30
N ASN A 117 -14.87 9.16 -20.24
CA ASN A 117 -15.28 9.86 -21.46
C ASN A 117 -16.81 9.97 -21.48
N ALA A 118 -17.32 11.10 -22.00
CA ALA A 118 -18.74 11.42 -22.09
C ALA A 118 -18.95 11.94 -23.50
N PRO A 119 -19.22 11.06 -24.50
CA PRO A 119 -19.63 11.51 -25.84
C PRO A 119 -20.97 12.28 -25.79
N TYR A 120 -21.07 13.37 -26.57
CA TYR A 120 -22.18 14.33 -26.50
C TYR A 120 -23.54 13.63 -26.64
N ALA B 4 -6.64 -6.81 17.14
CA ALA B 4 -6.57 -6.33 15.74
C ALA B 4 -5.17 -5.78 15.43
N PHE B 5 -4.64 -6.08 14.22
CA PHE B 5 -3.35 -5.58 13.76
C PHE B 5 -3.47 -4.09 13.39
N THR B 6 -2.50 -3.27 13.82
CA THR B 6 -2.48 -1.82 13.56
C THR B 6 -1.06 -1.26 13.67
N VAL B 7 -0.62 -0.57 12.59
CA VAL B 7 0.63 0.15 12.55
C VAL B 7 0.42 1.47 13.30
N THR B 8 1.43 1.86 14.10
CA THR B 8 1.43 3.06 14.92
C THR B 8 2.57 3.97 14.46
N VAL B 9 2.37 5.29 14.56
CA VAL B 9 3.30 6.31 14.11
C VAL B 9 3.52 7.25 15.30
N PRO B 10 4.73 7.35 15.93
CA PRO B 10 4.96 8.36 16.98
C PRO B 10 4.85 9.82 16.53
N LYS B 11 5.41 10.15 15.36
CA LYS B 11 5.46 11.51 14.83
C LYS B 11 4.95 11.50 13.39
N ASP B 12 3.90 12.29 13.10
CA ASP B 12 3.32 12.44 11.77
C ASP B 12 4.11 13.44 10.92
N LEU B 13 4.70 14.48 11.54
CA LEU B 13 5.45 15.53 10.86
C LEU B 13 6.90 15.47 11.32
N TYR B 14 7.85 15.67 10.37
CA TYR B 14 9.28 15.78 10.65
C TYR B 14 9.77 17.08 10.02
N VAL B 15 10.18 18.02 10.87
CA VAL B 15 10.88 19.24 10.49
C VAL B 15 12.37 18.91 10.66
N VAL B 16 13.18 19.05 9.60
CA VAL B 16 14.59 18.70 9.64
C VAL B 16 15.37 19.65 8.72
N GLU B 17 16.71 19.58 8.76
CA GLU B 17 17.62 20.47 8.06
C GLU B 17 18.26 19.77 6.87
N TYR B 18 18.78 20.57 5.91
CA TYR B 18 19.58 20.10 4.79
C TYR B 18 20.90 19.53 5.33
N GLY B 19 21.33 18.37 4.77
CA GLY B 19 22.55 17.70 5.20
C GLY B 19 22.46 16.94 6.54
N SER B 20 21.32 16.95 7.26
CA SER B 20 21.16 16.27 8.54
C SER B 20 20.79 14.81 8.32
N ASN B 21 20.54 14.09 9.43
CA ASN B 21 20.13 12.68 9.43
C ASN B 21 18.87 12.53 10.27
N MET B 22 17.79 11.98 9.68
CA MET B 22 16.50 11.79 10.36
C MET B 22 16.15 10.31 10.34
N THR B 23 15.32 9.92 11.31
CA THR B 23 14.85 8.56 11.49
C THR B 23 13.34 8.63 11.66
N ILE B 24 12.60 8.56 10.53
CA ILE B 24 11.17 8.31 10.53
C ILE B 24 10.91 6.88 11.03
N GLU B 25 9.92 6.71 11.92
CA GLU B 25 9.67 5.48 12.67
C GLU B 25 8.22 5.04 12.49
N CYS B 26 8.00 3.71 12.53
CA CYS B 26 6.69 3.09 12.49
C CYS B 26 6.67 1.85 13.37
N LYS B 27 5.76 1.80 14.36
CA LYS B 27 5.65 0.75 15.35
C LYS B 27 4.62 -0.27 14.86
N PHE B 28 4.93 -1.57 15.03
CA PHE B 28 4.01 -2.66 14.78
C PHE B 28 4.08 -3.67 15.92
N PRO B 29 2.99 -4.43 16.23
CA PRO B 29 2.95 -5.33 17.38
C PRO B 29 3.74 -6.64 17.20
N VAL B 30 4.86 -6.78 17.94
CA VAL B 30 5.72 -7.96 17.95
C VAL B 30 5.43 -8.72 19.24
N GLU B 31 5.08 -10.02 19.15
CA GLU B 31 4.45 -10.77 20.22
C GLU B 31 5.50 -11.18 21.26
N LYS B 32 6.40 -12.12 20.90
CA LYS B 32 7.50 -12.56 21.73
C LYS B 32 8.77 -12.30 20.93
N GLN B 33 9.04 -13.16 19.93
CA GLN B 33 10.22 -13.14 19.10
C GLN B 33 9.78 -13.01 17.64
N LEU B 34 10.56 -12.25 16.84
CA LEU B 34 10.14 -11.78 15.52
C LEU B 34 10.32 -12.92 14.52
N ASP B 35 9.21 -13.40 13.93
CA ASP B 35 9.22 -14.32 12.80
C ASP B 35 9.46 -13.51 11.51
N LEU B 36 10.67 -13.62 10.92
CA LEU B 36 10.96 -13.01 9.61
C LEU B 36 10.07 -13.56 8.50
N ALA B 37 9.65 -14.84 8.57
CA ALA B 37 8.82 -15.49 7.56
C ALA B 37 7.43 -14.86 7.35
N ALA B 38 6.93 -14.06 8.31
CA ALA B 38 5.72 -13.26 8.20
C ALA B 38 5.95 -11.76 7.95
N LEU B 39 7.17 -11.21 8.15
CA LEU B 39 7.40 -9.77 8.14
C LEU B 39 7.67 -9.29 6.72
N ILE B 40 6.84 -8.35 6.25
CA ILE B 40 7.10 -7.50 5.09
C ILE B 40 7.02 -6.05 5.56
N VAL B 41 8.01 -5.22 5.19
CA VAL B 41 8.06 -3.78 5.44
C VAL B 41 8.32 -3.11 4.09
N TYR B 42 7.60 -2.03 3.78
CA TYR B 42 7.76 -1.30 2.53
C TYR B 42 7.55 0.19 2.79
N TRP B 43 8.57 1.03 2.55
CA TRP B 43 8.46 2.48 2.50
C TRP B 43 8.46 2.95 1.04
N GLU B 44 7.42 3.70 0.64
CA GLU B 44 7.46 4.51 -0.57
C GLU B 44 7.32 5.99 -0.22
N MET B 45 7.68 6.83 -1.19
CA MET B 45 7.28 8.23 -1.21
C MET B 45 6.97 8.59 -2.66
N GLU B 46 5.70 8.92 -2.95
CA GLU B 46 5.20 9.24 -4.29
C GLU B 46 5.45 8.07 -5.24
N ASP B 47 5.17 6.84 -4.77
CA ASP B 47 5.42 5.58 -5.48
C ASP B 47 6.91 5.29 -5.81
N LYS B 48 7.89 6.01 -5.23
CA LYS B 48 9.31 5.75 -5.37
C LYS B 48 9.71 4.78 -4.25
N ASN B 49 10.32 3.64 -4.63
CA ASN B 49 10.68 2.58 -3.72
C ASN B 49 11.88 3.02 -2.89
N ILE B 50 11.73 3.09 -1.55
CA ILE B 50 12.81 3.52 -0.68
C ILE B 50 13.34 2.28 0.07
N ILE B 51 12.48 1.47 0.71
CA ILE B 51 12.89 0.14 1.19
C ILE B 51 11.81 -0.88 0.84
N GLN B 52 12.27 -2.07 0.43
CA GLN B 52 11.46 -3.26 0.17
C GLN B 52 12.18 -4.40 0.90
N PHE B 53 11.69 -4.71 2.11
CA PHE B 53 12.11 -5.85 2.91
C PHE B 53 10.98 -6.88 2.87
N VAL B 54 11.26 -8.12 2.41
CA VAL B 54 10.27 -9.18 2.31
C VAL B 54 10.90 -10.47 2.84
N HIS B 55 10.47 -10.86 4.07
CA HIS B 55 10.88 -12.08 4.74
C HIS B 55 12.39 -12.10 5.00
N GLY B 56 12.96 -10.93 5.38
CA GLY B 56 14.39 -10.79 5.58
C GLY B 56 15.22 -10.39 4.35
N GLU B 57 14.67 -10.47 3.13
CA GLU B 57 15.42 -10.33 1.87
C GLU B 57 15.24 -8.89 1.39
N GLU B 58 16.32 -8.14 1.12
CA GLU B 58 16.24 -6.85 0.41
C GLU B 58 17.25 -6.81 -0.72
N ASP B 59 17.00 -5.92 -1.70
CA ASP B 59 17.76 -5.80 -2.94
C ASP B 59 18.07 -4.31 -3.16
N LEU B 60 19.35 -3.93 -3.25
CA LEU B 60 19.74 -2.57 -3.60
C LEU B 60 19.25 -2.14 -4.99
N LYS B 61 19.19 -3.06 -5.98
CA LYS B 61 18.81 -2.74 -7.34
C LYS B 61 17.41 -2.12 -7.47
N VAL B 62 16.45 -2.50 -6.61
CA VAL B 62 15.08 -2.02 -6.67
C VAL B 62 14.92 -0.66 -5.98
N GLN B 63 15.92 -0.16 -5.23
CA GLN B 63 15.85 1.17 -4.64
C GLN B 63 15.87 2.26 -5.73
N HIS B 64 15.01 3.29 -5.57
CA HIS B 64 14.95 4.45 -6.45
C HIS B 64 16.25 5.24 -6.38
N SER B 65 16.68 5.81 -7.53
CA SER B 65 17.99 6.45 -7.74
C SER B 65 18.28 7.54 -6.71
N SER B 66 17.27 8.43 -6.52
CA SER B 66 17.14 9.46 -5.50
C SER B 66 17.61 9.05 -4.10
N TYR B 67 17.25 7.82 -3.68
CA TYR B 67 17.43 7.33 -2.32
C TYR B 67 18.64 6.39 -2.18
N ARG B 68 19.50 6.26 -3.22
CA ARG B 68 20.52 5.21 -3.30
C ARG B 68 21.68 5.56 -2.37
N GLN B 69 22.12 4.60 -1.51
CA GLN B 69 23.27 4.72 -0.62
C GLN B 69 23.02 5.64 0.59
N ARG B 70 21.83 6.27 0.74
CA ARG B 70 21.54 7.30 1.74
C ARG B 70 20.56 6.82 2.82
N ALA B 71 19.78 5.75 2.54
CA ALA B 71 18.51 5.45 3.20
C ALA B 71 18.46 3.94 3.51
N ARG B 72 18.21 3.59 4.78
CA ARG B 72 18.48 2.27 5.34
C ARG B 72 17.40 2.00 6.39
N LEU B 73 16.74 0.84 6.30
CA LEU B 73 15.97 0.28 7.41
C LEU B 73 16.95 -0.29 8.46
N LEU B 74 16.71 0.07 9.74
CA LEU B 74 17.54 -0.32 10.86
C LEU B 74 16.98 -1.65 11.41
N LYS B 75 17.77 -2.73 11.24
CA LYS B 75 17.34 -4.09 11.53
C LYS B 75 17.29 -4.32 13.05
N ASP B 76 18.36 -3.87 13.75
CA ASP B 76 18.43 -3.66 15.21
C ASP B 76 17.08 -3.31 15.86
N GLN B 77 16.37 -2.33 15.30
CA GLN B 77 15.09 -1.85 15.84
C GLN B 77 13.90 -2.77 15.54
N LEU B 78 13.97 -3.71 14.58
CA LEU B 78 12.80 -4.44 14.11
C LEU B 78 12.25 -5.43 15.14
N SER B 79 13.14 -6.13 15.87
CA SER B 79 12.74 -7.03 16.94
C SER B 79 12.05 -6.31 18.12
N LEU B 80 12.26 -4.99 18.29
CA LEU B 80 11.50 -4.14 19.18
C LEU B 80 10.14 -3.70 18.58
N GLY B 81 9.74 -4.18 17.38
CA GLY B 81 8.52 -3.77 16.70
C GLY B 81 8.59 -2.34 16.18
N ASN B 82 9.67 -2.01 15.43
CA ASN B 82 9.94 -0.66 14.97
C ASN B 82 10.71 -0.69 13.64
N ALA B 83 9.97 -0.55 12.52
CA ALA B 83 10.53 -0.17 11.23
C ALA B 83 11.00 1.28 11.31
N ALA B 84 12.30 1.45 11.57
CA ALA B 84 12.96 2.74 11.59
C ALA B 84 13.63 2.90 10.24
N LEU B 85 13.03 3.74 9.37
CA LEU B 85 13.71 4.23 8.18
C LEU B 85 14.63 5.39 8.57
N GLN B 86 15.94 5.26 8.29
CA GLN B 86 16.96 6.26 8.56
C GLN B 86 17.56 6.74 7.24
N ILE B 87 17.29 8.01 6.90
CA ILE B 87 17.93 8.73 5.80
C ILE B 87 19.09 9.54 6.40
N THR B 88 20.25 9.53 5.74
CA THR B 88 21.40 10.36 6.07
C THR B 88 21.75 11.26 4.88
N ASP B 89 22.23 12.49 5.19
CA ASP B 89 22.62 13.51 4.22
C ASP B 89 21.36 13.92 3.45
N VAL B 90 20.39 14.50 4.19
CA VAL B 90 19.07 14.86 3.68
C VAL B 90 19.19 16.00 2.66
N LYS B 91 18.44 15.88 1.54
CA LYS B 91 18.41 16.83 0.43
C LYS B 91 17.02 17.46 0.33
N LEU B 92 16.92 18.57 -0.40
CA LEU B 92 15.66 19.32 -0.51
C LEU B 92 14.60 18.54 -1.31
N GLN B 93 15.05 17.71 -2.26
CA GLN B 93 14.22 16.88 -3.12
C GLN B 93 13.52 15.80 -2.29
N ASP B 94 14.19 15.29 -1.23
CA ASP B 94 13.55 14.47 -0.20
C ASP B 94 12.69 15.40 0.64
N ALA B 95 11.37 15.17 0.69
CA ALA B 95 10.37 16.04 1.30
C ALA B 95 9.05 15.76 0.59
N GLY B 96 8.03 15.38 1.38
CA GLY B 96 6.77 14.87 0.86
C GLY B 96 6.08 13.97 1.87
N VAL B 97 5.09 13.22 1.38
CA VAL B 97 4.34 12.22 2.13
C VAL B 97 5.02 10.85 1.92
N TYR B 98 5.68 10.34 2.97
CA TYR B 98 6.23 8.99 3.03
C TYR B 98 5.11 8.10 3.54
N ARG B 99 4.98 6.89 2.98
CA ARG B 99 4.02 5.87 3.40
C ARG B 99 4.85 4.65 3.87
N CYS B 100 4.50 4.08 5.03
CA CYS B 100 5.14 2.89 5.60
C CYS B 100 4.09 1.80 5.69
N MET B 101 4.32 0.64 5.05
CA MET B 101 3.37 -0.46 4.97
C MET B 101 4.01 -1.68 5.63
N ILE B 102 3.36 -2.24 6.66
CA ILE B 102 3.81 -3.45 7.35
C ILE B 102 2.80 -4.56 7.10
N SER B 103 3.26 -5.78 6.80
CA SER B 103 2.49 -7.01 6.87
C SER B 103 3.11 -7.91 7.94
N TYR B 104 2.30 -8.39 8.89
CA TYR B 104 2.77 -9.26 9.97
C TYR B 104 1.56 -10.03 10.50
N GLY B 105 1.08 -10.98 9.67
CA GLY B 105 -0.14 -11.73 9.94
C GLY B 105 -1.36 -10.82 10.05
N GLY B 106 -1.49 -9.92 9.08
CA GLY B 106 -2.28 -8.70 9.19
C GLY B 106 -1.47 -7.49 8.71
N ALA B 107 -2.17 -6.55 8.04
CA ALA B 107 -1.58 -5.51 7.20
C ALA B 107 -2.15 -4.14 7.56
N ASP B 108 -1.31 -3.11 7.56
CA ASP B 108 -1.71 -1.71 7.74
C ASP B 108 -0.64 -0.81 7.14
N TYR B 109 -0.97 0.47 6.92
CA TYR B 109 0.02 1.51 6.63
C TYR B 109 -0.31 2.81 7.39
N LYS B 110 0.67 3.74 7.42
CA LYS B 110 0.51 5.11 7.89
C LYS B 110 1.36 6.07 7.03
N ARG B 111 0.89 7.34 6.90
CA ARG B 111 1.59 8.40 6.19
C ARG B 111 2.40 9.26 7.18
N ILE B 112 3.53 9.83 6.72
CA ILE B 112 4.40 10.73 7.49
C ILE B 112 4.81 11.88 6.56
N THR B 113 4.61 13.14 6.99
CA THR B 113 5.04 14.31 6.24
C THR B 113 6.46 14.67 6.65
N VAL B 114 7.28 15.13 5.70
CA VAL B 114 8.66 15.54 5.92
C VAL B 114 8.90 16.88 5.22
N LYS B 115 9.25 17.92 6.00
CA LYS B 115 9.66 19.25 5.54
C LYS B 115 11.18 19.35 5.79
N VAL B 116 11.95 19.85 4.81
CA VAL B 116 13.35 20.24 4.97
C VAL B 116 13.46 21.77 4.95
N ASN B 117 14.47 22.33 5.67
CA ASN B 117 14.80 23.77 5.66
C ASN B 117 16.26 23.98 5.22
N ALA B 118 16.54 25.16 4.62
CA ALA B 118 17.85 25.61 4.15
C ALA B 118 18.36 24.74 2.99
#